data_3QC1
#
_entry.id   3QC1
#
_cell.length_a   76.600
_cell.length_b   76.600
_cell.length_c   72.680
_cell.angle_alpha   90.00
_cell.angle_beta   90.00
_cell.angle_gamma   120.00
#
_symmetry.space_group_name_H-M   'P 32 2 1'
#
loop_
_entity.id
_entity.type
_entity.pdbx_description
1 polymer 'Immunoglobulin-binding protein 1'
2 water water
#
_entity_poly.entity_id   1
_entity_poly.type   'polypeptide(L)'
_entity_poly.pdbx_seq_one_letter_code
;MGSSHHHHHHSSGLVPRGSHMAASEDELLLPRLPELFETSKKLLEDVEVATEPTGSRTIQDKVSKGLELLEKAAGMLSQL
DLFSRNEDLEEIASTDLKYLMVPALQGALTMKQVNPSKRLDHLQRAREHFVHFLTQCHCYHVAEFQLPQTKTNSAENNTA
SSSMAYPNLVAMASQRQAKIERYKQKKEVEHRLSALKSAVESGQADDERVREYHLLHLRRWIAVSLEELESIDQEIKILK
EKD
;
_entity_poly.pdbx_strand_id   A
#
# COMPACT_ATOMS: atom_id res chain seq x y z
N LEU A 30 -8.88 10.39 -23.09
CA LEU A 30 -9.93 10.12 -22.12
C LEU A 30 -9.37 9.38 -20.90
N PRO A 31 -9.43 10.02 -19.71
CA PRO A 31 -8.81 9.55 -18.46
C PRO A 31 -9.32 8.18 -18.01
N ARG A 32 -8.54 7.14 -18.27
CA ARG A 32 -8.98 5.77 -17.99
C ARG A 32 -8.35 5.18 -16.72
N LEU A 33 -9.12 4.29 -16.09
CA LEU A 33 -8.77 3.73 -14.82
C LEU A 33 -7.31 3.25 -14.69
N PRO A 34 -6.85 2.40 -15.62
CA PRO A 34 -5.47 1.91 -15.54
C PRO A 34 -4.48 3.06 -15.47
N GLU A 35 -4.70 4.07 -16.29
CA GLU A 35 -3.85 5.26 -16.31
C GLU A 35 -3.93 6.03 -14.98
N LEU A 36 -5.15 6.15 -14.45
CA LEU A 36 -5.34 6.79 -13.16
C LEU A 36 -4.47 6.10 -12.09
N PHE A 37 -4.63 4.79 -11.96
CA PHE A 37 -3.86 4.00 -11.02
C PHE A 37 -2.35 4.17 -11.18
N GLU A 38 -1.83 3.95 -12.38
CA GLU A 38 -0.40 3.96 -12.59
C GLU A 38 0.23 5.31 -12.33
N THR A 39 -0.38 6.36 -12.88
CA THR A 39 0.07 7.71 -12.58
C THR A 39 0.13 7.93 -11.07
N SER A 40 -0.99 7.73 -10.39
CA SER A 40 -1.02 7.89 -8.93
C SER A 40 0.08 7.07 -8.25
N LYS A 41 0.23 5.82 -8.65
CA LYS A 41 1.26 4.95 -8.08
C LYS A 41 2.68 5.55 -8.26
N LYS A 42 3.03 5.94 -9.48
CA LYS A 42 4.33 6.58 -9.73
C LYS A 42 4.47 7.86 -8.93
N LEU A 43 3.40 8.63 -8.86
CA LEU A 43 3.43 9.88 -8.12
C LEU A 43 3.81 9.66 -6.65
N LEU A 44 3.23 8.62 -6.03
CA LEU A 44 3.55 8.28 -4.64
C LEU A 44 4.98 7.82 -4.51
N GLU A 45 5.35 6.85 -5.34
CA GLU A 45 6.74 6.41 -5.39
C GLU A 45 7.72 7.57 -5.57
N ASP A 46 7.31 8.60 -6.33
CA ASP A 46 8.15 9.79 -6.45
C ASP A 46 8.30 10.45 -5.09
N VAL A 47 7.16 10.64 -4.43
CA VAL A 47 7.11 11.41 -3.20
C VAL A 47 7.83 10.71 -2.05
N GLU A 48 7.81 9.39 -2.06
CA GLU A 48 8.44 8.62 -0.99
C GLU A 48 9.96 8.59 -1.11
N VAL A 49 10.47 8.89 -2.30
CA VAL A 49 11.90 8.88 -2.54
C VAL A 49 12.48 10.28 -2.58
N ALA A 50 11.61 11.27 -2.76
CA ALA A 50 12.05 12.66 -2.85
C ALA A 50 12.83 13.09 -1.61
N THR A 51 13.87 13.88 -1.80
CA THR A 51 14.79 14.21 -0.71
C THR A 51 14.59 15.59 -0.07
N GLU A 52 14.02 16.52 -0.83
CA GLU A 52 13.71 17.85 -0.31
C GLU A 52 12.64 17.73 0.79
N PRO A 53 12.46 18.80 1.59
CA PRO A 53 11.41 18.74 2.60
C PRO A 53 10.07 18.34 1.96
N THR A 54 9.33 17.44 2.59
CA THR A 54 8.10 16.98 1.99
C THR A 54 7.06 18.11 1.93
N GLY A 55 7.38 19.23 2.56
CA GLY A 55 6.51 20.39 2.51
C GLY A 55 6.73 21.23 1.27
N SER A 56 7.65 20.77 0.41
CA SER A 56 8.00 21.46 -0.83
C SER A 56 6.82 21.63 -1.77
N ARG A 57 6.77 22.77 -2.45
CA ARG A 57 5.73 23.05 -3.44
C ARG A 57 5.57 21.92 -4.44
N THR A 58 6.68 21.39 -4.92
CA THR A 58 6.64 20.34 -5.93
C THR A 58 6.10 19.04 -5.35
N ILE A 59 6.59 18.66 -4.18
CA ILE A 59 6.10 17.45 -3.52
C ILE A 59 4.62 17.52 -3.16
N GLN A 60 4.22 18.62 -2.51
CA GLN A 60 2.83 18.79 -2.12
C GLN A 60 1.88 18.77 -3.34
N ASP A 61 2.37 19.25 -4.48
CA ASP A 61 1.64 19.19 -5.73
C ASP A 61 1.42 17.77 -6.20
N LYS A 62 2.49 16.98 -6.25
CA LYS A 62 2.37 15.56 -6.57
C LYS A 62 1.38 14.87 -5.64
N VAL A 63 1.46 15.19 -4.33
CA VAL A 63 0.59 14.56 -3.34
C VAL A 63 -0.85 14.92 -3.64
N SER A 64 -1.08 16.22 -3.83
CA SER A 64 -2.43 16.69 -4.16
C SER A 64 -2.97 16.04 -5.44
N LYS A 65 -2.10 15.86 -6.43
CA LYS A 65 -2.55 15.30 -7.72
C LYS A 65 -2.91 13.82 -7.57
N GLY A 66 -2.03 13.08 -6.91
CA GLY A 66 -2.30 11.68 -6.59
C GLY A 66 -3.57 11.46 -5.80
N LEU A 67 -3.82 12.31 -4.81
CA LEU A 67 -5.07 12.19 -4.06
C LEU A 67 -6.26 12.37 -5.00
N GLU A 68 -6.20 13.40 -5.85
CA GLU A 68 -7.28 13.71 -6.76
C GLU A 68 -7.57 12.60 -7.79
N LEU A 69 -6.51 12.06 -8.39
CA LEU A 69 -6.67 10.96 -9.34
C LEU A 69 -7.19 9.68 -8.68
N LEU A 70 -6.79 9.44 -7.44
CA LEU A 70 -7.21 8.22 -6.77
C LEU A 70 -8.68 8.35 -6.37
N GLU A 71 -9.07 9.55 -5.99
CA GLU A 71 -10.49 9.82 -5.73
C GLU A 71 -11.31 9.44 -6.96
N LYS A 72 -10.89 9.94 -8.13
CA LYS A 72 -11.52 9.62 -9.41
C LYS A 72 -11.51 8.12 -9.70
N ALA A 73 -10.33 7.51 -9.61
CA ALA A 73 -10.20 6.06 -9.74
C ALA A 73 -11.17 5.31 -8.83
N ALA A 74 -11.16 5.61 -7.53
CA ALA A 74 -12.06 4.91 -6.61
C ALA A 74 -13.49 5.09 -7.08
N GLY A 75 -13.83 6.31 -7.46
CA GLY A 75 -15.15 6.59 -8.00
C GLY A 75 -15.52 5.59 -9.09
N MET A 76 -14.59 5.37 -10.00
CA MET A 76 -14.79 4.42 -11.09
C MET A 76 -14.82 2.97 -10.59
N LEU A 77 -14.00 2.66 -9.60
CA LEU A 77 -13.96 1.29 -9.10
C LEU A 77 -15.29 0.91 -8.48
N SER A 78 -16.00 1.89 -7.91
CA SER A 78 -17.31 1.68 -7.30
C SER A 78 -18.36 1.40 -8.35
N GLN A 79 -18.21 2.06 -9.49
CA GLN A 79 -19.12 1.88 -10.61
C GLN A 79 -18.98 0.47 -11.13
N LEU A 80 -17.74 0.05 -11.30
CA LEU A 80 -17.40 -1.25 -11.87
C LEU A 80 -17.76 -2.39 -10.94
N ASP A 81 -17.47 -2.19 -9.66
CA ASP A 81 -17.76 -3.19 -8.65
C ASP A 81 -17.14 -4.53 -9.06
N LEU A 82 -15.82 -4.58 -9.10
CA LEU A 82 -15.12 -5.78 -9.54
C LEU A 82 -15.16 -6.93 -8.51
N PHE A 83 -15.24 -6.58 -7.24
CA PHE A 83 -15.11 -7.57 -6.18
C PHE A 83 -16.36 -7.58 -5.32
N SER A 84 -17.50 -7.40 -5.97
CA SER A 84 -18.78 -7.42 -5.27
C SER A 84 -18.87 -8.70 -4.43
N ARG A 85 -18.68 -9.84 -5.09
CA ARG A 85 -18.77 -11.13 -4.43
C ARG A 85 -17.75 -11.24 -3.30
N ASN A 86 -18.23 -11.15 -2.06
CA ASN A 86 -17.36 -11.14 -0.89
C ASN A 86 -16.69 -12.48 -0.57
N GLU A 87 -16.20 -13.14 -1.61
CA GLU A 87 -15.40 -14.35 -1.46
C GLU A 87 -14.34 -14.39 -2.56
N ASP A 88 -14.02 -15.59 -3.03
CA ASP A 88 -13.19 -15.76 -4.22
C ASP A 88 -11.72 -15.37 -4.02
N LEU A 89 -11.21 -14.59 -4.96
CA LEU A 89 -9.82 -14.13 -5.01
C LEU A 89 -9.11 -14.78 -6.19
N GLU A 90 -9.22 -16.10 -6.25
CA GLU A 90 -8.76 -16.84 -7.41
C GLU A 90 -9.58 -16.35 -8.57
N GLU A 91 -10.78 -15.88 -8.24
CA GLU A 91 -11.79 -15.58 -9.26
C GLU A 91 -11.71 -14.17 -9.83
N ILE A 92 -10.78 -13.37 -9.31
CA ILE A 92 -10.60 -12.00 -9.80
C ILE A 92 -9.64 -11.97 -10.99
N ALA A 93 -10.01 -11.25 -12.05
CA ALA A 93 -9.11 -11.17 -13.20
C ALA A 93 -7.71 -10.71 -12.73
N SER A 94 -6.68 -11.37 -13.26
CA SER A 94 -5.31 -11.11 -12.81
C SER A 94 -4.92 -9.65 -12.82
N THR A 95 -5.46 -8.88 -13.74
CA THR A 95 -5.03 -7.51 -13.88
C THR A 95 -5.89 -6.56 -13.04
N ASP A 96 -6.98 -7.09 -12.50
CA ASP A 96 -7.84 -6.31 -11.64
C ASP A 96 -7.25 -6.29 -10.24
N LEU A 97 -6.47 -7.30 -9.93
CA LEU A 97 -5.83 -7.43 -8.64
C LEU A 97 -5.24 -6.10 -8.11
N LYS A 98 -4.66 -5.30 -9.00
CA LYS A 98 -3.94 -4.12 -8.53
C LYS A 98 -4.84 -3.03 -7.98
N TYR A 99 -6.10 -3.04 -8.41
CA TYR A 99 -7.06 -2.03 -7.99
C TYR A 99 -7.42 -2.18 -6.51
N LEU A 100 -7.16 -3.37 -5.99
CA LEU A 100 -7.33 -3.66 -4.59
C LEU A 100 -6.44 -2.74 -3.75
N MET A 101 -5.27 -2.38 -4.25
CA MET A 101 -4.35 -1.53 -3.50
C MET A 101 -4.68 -0.04 -3.48
N VAL A 102 -5.77 0.36 -4.13
CA VAL A 102 -6.13 1.78 -4.18
C VAL A 102 -6.28 2.47 -2.81
N PRO A 103 -7.11 1.90 -1.92
CA PRO A 103 -7.29 2.55 -0.60
C PRO A 103 -5.96 2.66 0.17
N ALA A 104 -5.05 1.72 -0.07
CA ALA A 104 -3.71 1.75 0.54
C ALA A 104 -2.88 2.92 0.07
N LEU A 105 -2.90 3.14 -1.25
CA LEU A 105 -2.18 4.25 -1.86
C LEU A 105 -2.82 5.52 -1.38
N GLN A 106 -4.14 5.50 -1.20
CA GLN A 106 -4.83 6.68 -0.69
C GLN A 106 -4.40 7.03 0.74
N GLY A 107 -4.17 6.01 1.56
CA GLY A 107 -3.77 6.24 2.95
C GLY A 107 -2.35 6.79 2.99
N ALA A 108 -1.50 6.20 2.16
CA ALA A 108 -0.08 6.54 2.16
C ALA A 108 0.12 8.00 1.72
N LEU A 109 -0.63 8.41 0.71
CA LEU A 109 -0.57 9.77 0.19
C LEU A 109 -1.23 10.76 1.17
N THR A 110 -2.34 10.38 1.76
CA THR A 110 -2.93 11.21 2.80
C THR A 110 -1.86 11.48 3.85
N MET A 111 -1.09 10.45 4.20
CA MET A 111 -0.08 10.61 5.25
C MET A 111 1.09 11.46 4.80
N LYS A 112 1.14 11.84 3.53
CA LYS A 112 2.24 12.67 3.04
C LYS A 112 1.89 14.17 2.95
N GLN A 113 0.63 14.50 3.20
CA GLN A 113 0.18 15.88 3.21
C GLN A 113 0.85 16.67 4.34
N VAL A 114 1.06 17.95 4.09
CA VAL A 114 1.70 18.84 5.03
C VAL A 114 0.85 20.09 5.18
N ASN A 115 0.20 20.18 6.34
CA ASN A 115 -0.65 21.29 6.69
C ASN A 115 -0.94 21.13 8.18
N PRO A 116 0.00 21.55 9.02
CA PRO A 116 -0.04 21.28 10.45
C PRO A 116 -1.43 21.45 11.04
N SER A 117 -2.12 22.51 10.65
CA SER A 117 -3.40 22.87 11.26
C SER A 117 -4.52 21.87 11.01
N LYS A 118 -4.25 20.87 10.16
CA LYS A 118 -5.26 19.89 9.76
C LYS A 118 -4.75 18.47 9.94
N ARG A 119 -3.58 18.38 10.55
CA ARG A 119 -2.91 17.10 10.78
C ARG A 119 -3.84 15.99 11.25
N LEU A 120 -4.72 16.31 12.18
CA LEU A 120 -5.65 15.33 12.73
C LEU A 120 -6.67 14.88 11.67
N ASP A 121 -7.17 15.84 10.89
CA ASP A 121 -8.04 15.52 9.79
C ASP A 121 -7.36 14.53 8.85
N HIS A 122 -6.07 14.74 8.61
CA HIS A 122 -5.34 13.84 7.74
C HIS A 122 -5.28 12.46 8.35
N LEU A 123 -4.81 12.37 9.60
CA LEU A 123 -4.78 11.11 10.33
C LEU A 123 -6.08 10.35 10.20
N GLN A 124 -7.19 11.06 10.40
CA GLN A 124 -8.49 10.41 10.39
C GLN A 124 -8.91 10.00 8.97
N ARG A 125 -8.55 10.83 7.99
CA ARG A 125 -8.76 10.44 6.61
C ARG A 125 -7.94 9.19 6.28
N ALA A 126 -6.67 9.21 6.69
CA ALA A 126 -5.75 8.10 6.40
C ALA A 126 -6.21 6.83 7.07
N ARG A 127 -6.58 6.95 8.34
CA ARG A 127 -7.10 5.81 9.07
C ARG A 127 -8.23 5.13 8.31
N GLU A 128 -9.22 5.91 7.87
CA GLU A 128 -10.32 5.35 7.05
C GLU A 128 -9.85 4.55 5.83
N HIS A 129 -8.86 5.07 5.11
CA HIS A 129 -8.33 4.43 3.90
C HIS A 129 -7.65 3.09 4.21
N PHE A 130 -6.80 3.09 5.23
CA PHE A 130 -6.05 1.89 5.57
C PHE A 130 -6.96 0.77 6.05
N VAL A 131 -7.95 1.14 6.87
CA VAL A 131 -8.93 0.16 7.28
C VAL A 131 -9.70 -0.26 6.05
N HIS A 132 -10.34 0.71 5.40
CA HIS A 132 -11.08 0.49 4.15
C HIS A 132 -10.25 -0.46 3.26
N PHE A 133 -8.95 -0.24 3.19
CA PHE A 133 -8.10 -1.17 2.45
C PHE A 133 -8.16 -2.59 3.00
N LEU A 134 -7.74 -2.74 4.26
CA LEU A 134 -7.72 -4.02 4.99
C LEU A 134 -9.03 -4.80 4.91
N THR A 135 -10.16 -4.11 4.97
CA THR A 135 -11.44 -4.80 4.88
C THR A 135 -11.89 -5.09 3.45
N GLN A 136 -11.01 -4.89 2.47
CA GLN A 136 -11.32 -5.28 1.09
C GLN A 136 -10.27 -6.16 0.43
N CYS A 137 -9.05 -6.05 0.90
CA CYS A 137 -7.93 -6.80 0.31
C CYS A 137 -8.21 -8.27 -0.03
N HIS A 138 -9.11 -8.92 0.73
CA HIS A 138 -9.30 -10.37 0.68
C HIS A 138 -7.98 -11.10 0.92
N CYS A 139 -6.97 -10.37 1.36
CA CYS A 139 -5.60 -10.86 1.29
C CYS A 139 -5.25 -11.82 2.42
N TYR A 140 -5.86 -11.60 3.59
CA TYR A 140 -5.65 -12.46 4.75
C TYR A 140 -4.16 -12.76 4.99
N HIS A 141 -3.84 -14.05 5.03
CA HIS A 141 -2.47 -14.53 5.07
C HIS A 141 -1.46 -13.56 4.44
N ALA A 165 23.95 -29.63 27.90
CA ALA A 165 23.55 -28.32 27.40
C ALA A 165 22.55 -28.46 26.25
N TYR A 166 21.35 -27.89 26.42
CA TYR A 166 20.32 -27.94 25.37
C TYR A 166 19.25 -26.82 25.37
N PRO A 167 18.20 -26.94 26.20
CA PRO A 167 16.94 -26.20 26.00
C PRO A 167 17.05 -24.70 25.74
N ASN A 168 17.64 -23.95 26.67
CA ASN A 168 17.73 -22.49 26.53
C ASN A 168 18.57 -22.08 25.36
N LEU A 169 19.68 -22.77 25.17
CA LEU A 169 20.54 -22.52 24.01
C LEU A 169 19.78 -22.78 22.71
N VAL A 170 18.94 -23.82 22.72
CA VAL A 170 18.11 -24.15 21.57
C VAL A 170 17.15 -23.02 21.28
N ALA A 171 16.47 -22.56 22.32
CA ALA A 171 15.56 -21.43 22.17
C ALA A 171 16.34 -20.23 21.66
N MET A 172 17.45 -19.90 22.31
CA MET A 172 18.26 -18.78 21.86
C MET A 172 18.60 -18.94 20.39
N ALA A 173 19.04 -20.14 20.03
CA ALA A 173 19.41 -20.44 18.66
C ALA A 173 18.23 -20.29 17.72
N SER A 174 17.09 -20.86 18.10
CA SER A 174 15.92 -20.80 17.24
C SER A 174 15.32 -19.39 17.18
N GLN A 175 15.42 -18.66 18.29
CA GLN A 175 14.88 -17.31 18.37
C GLN A 175 15.80 -16.28 17.69
N ARG A 176 17.05 -16.66 17.46
CA ARG A 176 18.00 -15.77 16.80
C ARG A 176 17.75 -15.72 15.29
N GLN A 177 17.96 -16.86 14.65
CA GLN A 177 17.81 -16.95 13.20
C GLN A 177 16.41 -16.55 12.75
N ALA A 178 15.45 -16.62 13.66
CA ALA A 178 14.11 -16.14 13.35
C ALA A 178 14.20 -14.74 12.76
N LYS A 179 14.85 -13.84 13.48
CA LYS A 179 15.04 -12.46 13.03
C LYS A 179 15.86 -12.34 11.73
N ILE A 180 16.76 -13.30 11.47
CA ILE A 180 17.53 -13.29 10.23
C ILE A 180 16.63 -13.67 9.06
N GLU A 181 15.75 -14.63 9.28
CA GLU A 181 14.78 -15.03 8.27
C GLU A 181 13.75 -13.93 7.99
N ARG A 182 13.47 -13.11 8.99
CA ARG A 182 12.53 -12.00 8.85
C ARG A 182 13.14 -10.93 7.96
N TYR A 183 14.40 -10.64 8.17
CA TYR A 183 15.12 -9.70 7.32
C TYR A 183 15.21 -10.26 5.90
N LYS A 184 15.65 -11.51 5.79
CA LYS A 184 15.72 -12.21 4.51
C LYS A 184 14.43 -12.00 3.73
N GLN A 185 13.36 -12.65 4.18
CA GLN A 185 12.04 -12.47 3.62
C GLN A 185 11.83 -11.05 3.12
N LYS A 186 11.92 -10.07 4.02
CA LYS A 186 11.74 -8.68 3.62
C LYS A 186 12.56 -8.36 2.36
N LYS A 187 13.81 -8.78 2.38
CA LYS A 187 14.72 -8.58 1.27
C LYS A 187 14.27 -9.33 0.01
N GLU A 188 13.94 -10.61 0.17
CA GLU A 188 13.52 -11.44 -0.95
C GLU A 188 12.32 -10.84 -1.63
N VAL A 189 11.32 -10.51 -0.82
CA VAL A 189 10.10 -9.89 -1.32
C VAL A 189 10.42 -8.70 -2.22
N GLU A 190 11.23 -7.78 -1.74
CA GLU A 190 11.55 -6.57 -2.49
C GLU A 190 12.34 -6.92 -3.76
N HIS A 191 13.28 -7.84 -3.61
CA HIS A 191 14.09 -8.25 -4.73
C HIS A 191 13.20 -8.83 -5.84
N ARG A 192 12.23 -9.65 -5.43
CA ARG A 192 11.33 -10.28 -6.38
C ARG A 192 10.45 -9.25 -7.11
N LEU A 193 9.79 -8.40 -6.33
CA LEU A 193 8.99 -7.32 -6.89
C LEU A 193 9.73 -6.51 -7.95
N SER A 194 11.00 -6.19 -7.70
CA SER A 194 11.76 -5.35 -8.60
C SER A 194 12.16 -6.14 -9.85
N ALA A 195 12.30 -7.46 -9.69
CA ALA A 195 12.60 -8.33 -10.82
C ALA A 195 11.44 -8.44 -11.82
N LEU A 196 10.21 -8.39 -11.33
CA LEU A 196 9.06 -8.61 -12.17
C LEU A 196 8.42 -7.33 -12.66
N LYS A 197 8.81 -6.22 -12.05
CA LYS A 197 8.10 -4.97 -12.24
C LYS A 197 7.92 -4.59 -13.70
N SER A 198 9.05 -4.50 -14.41
CA SER A 198 9.07 -4.10 -15.82
C SER A 198 8.11 -4.95 -16.63
N ALA A 199 8.37 -6.25 -16.68
CA ALA A 199 7.53 -7.16 -17.45
C ALA A 199 6.05 -7.08 -17.08
N VAL A 200 5.76 -6.91 -15.81
CA VAL A 200 4.36 -6.90 -15.44
C VAL A 200 3.71 -5.60 -15.95
N GLU A 201 4.41 -4.49 -15.78
CA GLU A 201 3.84 -3.22 -16.19
C GLU A 201 3.75 -3.09 -17.72
N SER A 202 4.63 -3.80 -18.42
CA SER A 202 4.68 -3.78 -19.88
C SER A 202 3.64 -4.67 -20.53
N GLY A 203 3.08 -5.59 -19.77
CA GLY A 203 2.17 -6.58 -20.33
C GLY A 203 2.94 -7.75 -20.92
N GLN A 204 4.17 -7.93 -20.46
CA GLN A 204 5.03 -8.97 -21.02
C GLN A 204 5.09 -10.24 -20.19
N ALA A 205 4.60 -10.20 -18.95
CA ALA A 205 4.63 -11.36 -18.08
C ALA A 205 3.46 -12.28 -18.29
N ASP A 206 3.67 -13.58 -18.08
CA ASP A 206 2.54 -14.51 -18.11
C ASP A 206 1.64 -14.29 -16.89
N ASP A 207 0.46 -14.88 -16.94
CA ASP A 207 -0.56 -14.69 -15.94
C ASP A 207 -0.09 -15.11 -14.54
N GLU A 208 0.65 -16.21 -14.47
CA GLU A 208 1.22 -16.68 -13.22
C GLU A 208 2.10 -15.61 -12.54
N ARG A 209 2.94 -14.93 -13.31
CA ARG A 209 3.84 -13.93 -12.76
C ARG A 209 3.05 -12.67 -12.40
N VAL A 210 2.07 -12.33 -13.21
CA VAL A 210 1.27 -11.15 -12.99
C VAL A 210 0.49 -11.26 -11.67
N ARG A 211 -0.14 -12.42 -11.48
CA ARG A 211 -0.93 -12.68 -10.28
C ARG A 211 0.00 -12.73 -9.08
N GLU A 212 1.09 -13.49 -9.21
CA GLU A 212 2.08 -13.52 -8.17
C GLU A 212 2.52 -12.10 -7.82
N TYR A 213 2.92 -11.31 -8.83
CA TYR A 213 3.38 -9.94 -8.61
C TYR A 213 2.42 -9.10 -7.77
N HIS A 214 1.12 -9.11 -8.07
CA HIS A 214 0.19 -8.26 -7.33
C HIS A 214 -0.16 -8.77 -5.92
N LEU A 215 -0.25 -10.08 -5.74
CA LEU A 215 -0.52 -10.66 -4.42
C LEU A 215 0.61 -10.31 -3.47
N LEU A 216 1.81 -10.25 -4.00
CA LEU A 216 2.98 -9.95 -3.22
C LEU A 216 2.98 -8.47 -2.85
N HIS A 217 2.55 -7.62 -3.77
CA HIS A 217 2.40 -6.21 -3.45
C HIS A 217 1.36 -6.08 -2.34
N LEU A 218 0.31 -6.88 -2.44
CA LEU A 218 -0.79 -6.83 -1.50
C LEU A 218 -0.34 -7.13 -0.06
N ARG A 219 0.43 -8.21 0.10
CA ARG A 219 0.96 -8.59 1.41
C ARG A 219 1.75 -7.44 2.01
N ARG A 220 2.70 -6.93 1.22
CA ARG A 220 3.50 -5.80 1.63
C ARG A 220 2.60 -4.69 2.15
N TRP A 221 1.53 -4.37 1.41
CA TRP A 221 0.61 -3.33 1.86
C TRP A 221 -0.15 -3.66 3.15
N ILE A 222 -0.24 -4.94 3.50
CA ILE A 222 -0.90 -5.32 4.74
C ILE A 222 -0.06 -4.87 5.93
N ALA A 223 1.17 -5.34 5.97
CA ALA A 223 2.14 -4.94 6.98
C ALA A 223 2.20 -3.43 7.09
N VAL A 224 2.40 -2.76 5.96
CA VAL A 224 2.53 -1.31 5.93
C VAL A 224 1.29 -0.65 6.54
N SER A 225 0.11 -1.11 6.15
CA SER A 225 -1.12 -0.55 6.67
C SER A 225 -1.29 -0.79 8.17
N LEU A 226 -0.76 -1.90 8.64
CA LEU A 226 -0.90 -2.25 10.05
C LEU A 226 -0.01 -1.36 10.90
N GLU A 227 1.24 -1.15 10.45
CA GLU A 227 2.16 -0.27 11.14
C GLU A 227 1.63 1.14 11.13
N GLU A 228 1.27 1.62 9.94
CA GLU A 228 0.68 2.94 9.80
C GLU A 228 -0.51 3.17 10.73
N LEU A 229 -1.37 2.17 10.82
CA LEU A 229 -2.54 2.30 11.69
C LEU A 229 -2.14 2.44 13.16
N GLU A 230 -1.16 1.65 13.57
CA GLU A 230 -0.60 1.78 14.90
C GLU A 230 -0.07 3.20 15.16
N SER A 231 0.74 3.72 14.22
CA SER A 231 1.30 5.06 14.34
C SER A 231 0.23 6.13 14.37
N ILE A 232 -0.77 5.97 13.52
CA ILE A 232 -1.87 6.92 13.40
C ILE A 232 -2.69 7.02 14.69
N ASP A 233 -3.05 5.88 15.27
CA ASP A 233 -3.81 5.87 16.51
C ASP A 233 -3.03 6.45 17.68
N GLN A 234 -1.73 6.17 17.75
CA GLN A 234 -0.94 6.79 18.80
C GLN A 234 -1.00 8.31 18.73
N GLU A 235 -0.84 8.86 17.52
CA GLU A 235 -0.77 10.33 17.35
C GLU A 235 -2.13 10.99 17.49
N ILE A 236 -3.16 10.36 16.92
CA ILE A 236 -4.54 10.81 17.09
C ILE A 236 -4.91 10.94 18.57
N LYS A 237 -4.45 9.99 19.38
CA LYS A 237 -4.82 9.96 20.80
C LYS A 237 -4.25 11.15 21.55
N ILE A 238 -3.04 11.56 21.19
CA ILE A 238 -2.43 12.74 21.74
C ILE A 238 -3.15 14.01 21.28
N LEU A 239 -3.50 14.03 20.01
CA LEU A 239 -4.12 15.21 19.43
C LEU A 239 -5.53 15.49 19.98
N LYS A 240 -6.20 14.45 20.48
CA LYS A 240 -7.56 14.61 20.97
C LYS A 240 -7.61 14.64 22.50
N GLU A 241 -6.46 14.48 23.14
CA GLU A 241 -6.43 14.34 24.60
C GLU A 241 -6.98 15.58 25.32
N LYS A 242 -7.25 16.63 24.54
CA LYS A 242 -7.83 17.87 25.05
C LYS A 242 -6.86 18.59 25.99
#